data_4D6O
#
_entry.id   4D6O
#
_cell.length_a   106.888
_cell.length_b   70.672
_cell.length_c   107.143
_cell.angle_alpha   90.00
_cell.angle_beta   119.80
_cell.angle_gamma   90.00
#
_symmetry.space_group_name_H-M   'P 1 21 1'
#
loop_
_entity.id
_entity.type
_entity.pdbx_description
1 polymer 'HOMING ENDONUCLEASE I-DMOI'
2 polymer 25MER
3 polymer 25MER
4 polymer 25MER
5 polymer 25MER
6 non-polymer 'MAGNESIUM ION'
7 non-polymer 'ACETATE ION'
8 water water
#
loop_
_entity_poly.entity_id
_entity_poly.type
_entity_poly.pdbx_seq_one_letter_code
_entity_poly.pdbx_strand_id
1 'polypeptide(L)'
;AHNNENVSGISAYLLGLIIGDGGLYKLKYKGNRSEYRVVITQKSENLIKQHIAPLMQFLIDELNVKSKIQIVKGDTRYEL
RVSSKKLYYYFANMLERIRLFNMREQIAFIKGLYVAEGDKTLKRLRIWNKNKALLEIVSRWLNNLGVRNTIHLDDHRHGV
YVLNISLRDRIKFVHTILSSHLNPLPPEAAALEHHHHHH
;
A,D,G
2 'polydeoxyribonucleotide'
;(DG)(DC)(DC)(DT)(DT)(DG)(DC)(DC)(DG)(DG)(DG)(DT)(DA)(DA)(DG)(DT)(DT)(DC)(DC)(DG)
(DG)(DC)(DG)(DC)(DG)
;
B,H
3 'polydeoxyribonucleotide'
;(DC)(DG)(DC)(DG)(DC)(DC)(DG)(DG)(DA)(DA)(DC)(DT)(DT)(DA)(DC)(DC)(DC)(DG)(DG)(DC)
(DA)(DA)(DG)(DG)(DC)
;
C,I
4 'polydeoxyribonucleotide'
;(DG)(DC)(DC)(DT)(DT)(DG)(DC)(DC)(DG)(DG)(DG)(DT)(DA)(DA)(DG)(DT)(DT)(DC)(DC)(DG)
(DG)(DC)(DA)(DC)(DG)
;
E
5 'polydeoxyribonucleotide'
;(DC)(DG)(DT)(DG)(DC)(DC)(DG)(DG)(DA)(DA)(DC)(DT)(DT)(DA)(DC)(DC)(DC)(DG)(DG)(DC)
(DA)(DA)(DG)(DG)(DC)
;
F
#
# COMPACT_ATOMS: atom_id res chain seq x y z
N ASN A 4 -23.55 0.27 -8.27
CA ASN A 4 -24.70 0.46 -9.13
C ASN A 4 -25.05 -0.81 -9.91
N GLU A 5 -26.24 -0.82 -10.49
CA GLU A 5 -26.64 -1.87 -11.43
C GLU A 5 -26.23 -1.41 -12.83
N ASN A 6 -25.96 -0.12 -12.97
CA ASN A 6 -25.50 0.38 -14.26
C ASN A 6 -24.02 0.09 -14.44
N VAL A 7 -23.26 0.06 -13.35
CA VAL A 7 -21.88 -0.36 -13.48
C VAL A 7 -21.82 -1.87 -13.78
N SER A 8 -22.66 -2.65 -13.11
CA SER A 8 -22.61 -4.10 -13.32
C SER A 8 -23.06 -4.46 -14.73
N GLY A 9 -24.07 -3.76 -15.25
CA GLY A 9 -24.57 -4.04 -16.59
C GLY A 9 -23.58 -3.61 -17.67
N ILE A 10 -22.99 -2.45 -17.49
CA ILE A 10 -22.04 -1.93 -18.45
C ILE A 10 -20.77 -2.82 -18.42
N SER A 11 -20.38 -3.21 -17.21
CA SER A 11 -19.28 -4.15 -17.00
C SER A 11 -19.49 -5.46 -17.76
N ALA A 12 -20.66 -6.07 -17.59
CA ALA A 12 -20.96 -7.34 -18.26
C ALA A 12 -20.89 -7.18 -19.77
N TYR A 13 -21.47 -6.09 -20.26
CA TYR A 13 -21.48 -5.79 -21.69
C TYR A 13 -20.06 -5.63 -22.23
N LEU A 14 -19.25 -4.84 -21.53
CA LEU A 14 -17.88 -4.65 -21.97
C LEU A 14 -17.13 -5.98 -21.93
N LEU A 15 -17.41 -6.80 -20.92
CA LEU A 15 -16.74 -8.10 -20.83
C LEU A 15 -17.11 -8.95 -22.06
N GLY A 16 -18.36 -8.88 -22.47
CA GLY A 16 -18.80 -9.46 -23.73
C GLY A 16 -17.91 -9.07 -24.92
N LEU A 17 -17.68 -7.78 -25.07
CA LEU A 17 -16.84 -7.28 -26.18
C LEU A 17 -15.39 -7.72 -26.02
N ILE A 18 -14.91 -7.67 -24.78
CA ILE A 18 -13.53 -8.06 -24.48
C ILE A 18 -13.31 -9.54 -24.82
N ILE A 19 -14.15 -10.41 -24.25
CA ILE A 19 -14.02 -11.83 -24.51
C ILE A 19 -14.14 -12.12 -26.02
N GLY A 20 -15.15 -11.53 -26.67
CA GLY A 20 -15.34 -11.76 -28.08
C GLY A 20 -14.30 -11.11 -28.99
N ASP A 21 -14.11 -9.80 -28.90
CA ASP A 21 -13.22 -9.14 -29.88
C ASP A 21 -11.91 -8.57 -29.31
N GLY A 22 -11.61 -8.83 -28.04
CA GLY A 22 -10.36 -8.32 -27.48
C GLY A 22 -9.64 -9.32 -26.60
N GLY A 23 -9.14 -8.88 -25.44
CA GLY A 23 -8.49 -9.80 -24.54
C GLY A 23 -8.06 -9.21 -23.22
N LEU A 24 -7.66 -10.09 -22.31
CA LEU A 24 -7.08 -9.69 -21.04
C LEU A 24 -5.66 -10.19 -21.02
N TYR A 25 -4.68 -9.28 -20.93
CA TYR A 25 -3.30 -9.67 -21.09
C TYR A 25 -2.45 -9.25 -19.90
N LYS A 26 -1.77 -10.25 -19.32
CA LYS A 26 -0.78 -10.06 -18.28
C LYS A 26 0.59 -10.24 -18.92
N LEU A 27 1.35 -9.17 -19.06
CA LEU A 27 2.64 -9.19 -19.76
C LEU A 27 3.82 -9.13 -18.81
N LYS A 28 4.89 -9.85 -19.13
CA LYS A 28 6.17 -9.77 -18.42
C LYS A 28 7.24 -9.23 -19.35
N TYR A 29 7.90 -8.16 -18.93
CA TYR A 29 8.94 -7.55 -19.73
C TYR A 29 10.31 -7.71 -19.08
N LYS A 30 11.36 -7.39 -19.84
CA LYS A 30 12.71 -7.34 -19.31
C LYS A 30 12.85 -6.24 -18.24
N GLY A 31 13.55 -6.54 -17.15
CA GLY A 31 13.84 -5.56 -16.11
C GLY A 31 12.86 -5.68 -14.96
N ASN A 32 12.24 -6.85 -14.89
CA ASN A 32 11.15 -7.15 -13.96
C ASN A 32 9.95 -6.24 -14.22
N ARG A 33 9.95 -5.60 -15.39
CA ARG A 33 8.82 -4.78 -15.80
C ARG A 33 7.63 -5.68 -16.13
N SER A 34 6.45 -5.06 -16.24
CA SER A 34 5.20 -5.80 -16.38
C SER A 34 4.15 -4.86 -16.96
N GLU A 35 3.05 -5.46 -17.42
CA GLU A 35 1.92 -4.68 -17.92
C GLU A 35 0.66 -5.52 -17.89
N TYR A 36 -0.47 -4.84 -17.69
CA TYR A 36 -1.75 -5.48 -17.55
C TYR A 36 -2.68 -4.78 -18.52
N ARG A 37 -3.23 -5.53 -19.48
CA ARG A 37 -4.03 -4.88 -20.53
C ARG A 37 -5.45 -5.37 -20.64
N VAL A 38 -6.36 -4.42 -20.78
CA VAL A 38 -7.74 -4.71 -21.14
C VAL A 38 -7.91 -4.20 -22.57
N VAL A 39 -8.32 -5.08 -23.47
CA VAL A 39 -8.30 -4.79 -24.91
C VAL A 39 -9.63 -5.12 -25.57
N ILE A 40 -10.11 -4.22 -26.44
CA ILE A 40 -11.19 -4.53 -27.40
C ILE A 40 -10.72 -4.07 -28.76
N THR A 41 -10.72 -4.95 -29.75
CA THR A 41 -10.38 -4.50 -31.10
C THR A 41 -11.63 -4.48 -31.97
N GLN A 42 -11.62 -3.58 -32.95
CA GLN A 42 -12.75 -3.39 -33.86
C GLN A 42 -12.25 -2.68 -35.12
N LYS A 43 -12.86 -2.98 -36.26
CA LYS A 43 -12.46 -2.31 -37.49
C LYS A 43 -12.79 -0.82 -37.50
N SER A 44 -14.02 -0.48 -37.14
CA SER A 44 -14.46 0.89 -37.34
C SER A 44 -14.11 1.76 -36.13
N GLU A 45 -13.44 2.88 -36.40
CA GLU A 45 -13.06 3.81 -35.34
C GLU A 45 -14.28 4.44 -34.72
N ASN A 46 -15.32 4.65 -35.52
CA ASN A 46 -16.62 4.95 -34.98
C ASN A 46 -17.09 3.63 -34.36
N LEU A 47 -17.98 3.69 -33.38
CA LEU A 47 -18.32 2.54 -32.52
C LEU A 47 -17.25 2.40 -31.45
N ILE A 48 -15.98 2.26 -31.85
CA ILE A 48 -14.90 2.32 -30.86
C ILE A 48 -14.86 3.68 -30.16
N LYS A 49 -14.71 4.75 -30.95
CA LYS A 49 -14.59 6.08 -30.37
C LYS A 49 -15.92 6.64 -29.90
N GLN A 50 -17.00 6.31 -30.59
CA GLN A 50 -18.27 6.96 -30.26
C GLN A 50 -19.24 6.11 -29.42
N HIS A 51 -18.98 4.81 -29.29
CA HIS A 51 -19.83 4.01 -28.40
C HIS A 51 -19.10 3.19 -27.33
N ILE A 52 -18.03 2.49 -27.70
CA ILE A 52 -17.35 1.65 -26.73
C ILE A 52 -16.57 2.49 -25.70
N ALA A 53 -15.66 3.35 -26.16
CA ALA A 53 -14.82 4.18 -25.28
C ALA A 53 -15.61 4.98 -24.24
N PRO A 54 -16.72 5.64 -24.63
CA PRO A 54 -17.47 6.34 -23.58
C PRO A 54 -18.00 5.41 -22.49
N LEU A 55 -18.31 4.16 -22.84
CA LEU A 55 -18.75 3.22 -21.82
C LEU A 55 -17.56 2.82 -20.95
N MET A 56 -16.41 2.56 -21.58
CA MET A 56 -15.22 2.20 -20.79
C MET A 56 -14.84 3.37 -19.90
N GLN A 57 -14.90 4.57 -20.46
CA GLN A 57 -14.53 5.78 -19.73
C GLN A 57 -15.38 5.91 -18.47
N PHE A 58 -16.69 5.71 -18.63
CA PHE A 58 -17.61 5.79 -17.51
C PHE A 58 -17.26 4.77 -16.43
N LEU A 59 -17.01 3.52 -16.86
CA LEU A 59 -16.61 2.47 -15.94
C LEU A 59 -15.29 2.83 -15.24
N ILE A 60 -14.33 3.29 -16.02
CA ILE A 60 -13.04 3.68 -15.47
C ILE A 60 -13.20 4.76 -14.39
N ASP A 61 -14.05 5.74 -14.64
CA ASP A 61 -14.28 6.80 -13.66
C ASP A 61 -14.97 6.25 -12.41
N GLU A 62 -15.97 5.39 -12.60
CA GLU A 62 -16.66 4.82 -11.45
C GLU A 62 -15.75 3.96 -10.60
N LEU A 63 -14.75 3.35 -11.22
CA LEU A 63 -13.84 2.47 -10.48
C LEU A 63 -12.63 3.24 -9.97
N ASN A 64 -12.59 4.54 -10.28
CA ASN A 64 -11.43 5.38 -9.97
CA ASN A 64 -11.44 5.39 -9.98
C ASN A 64 -10.14 4.75 -10.49
N VAL A 65 -10.20 4.19 -11.68
CA VAL A 65 -9.03 3.69 -12.35
C VAL A 65 -8.34 4.90 -12.97
N LYS A 66 -7.01 4.98 -12.88
CA LYS A 66 -6.29 6.19 -13.25
C LYS A 66 -5.73 6.14 -14.68
N SER A 67 -5.77 4.97 -15.29
CA SER A 67 -5.16 4.78 -16.59
C SER A 67 -5.94 5.47 -17.70
N LYS A 68 -5.25 5.70 -18.80
CA LYS A 68 -5.76 6.33 -20.00
C LYS A 68 -6.41 5.30 -20.96
N ILE A 69 -7.50 5.67 -21.60
CA ILE A 69 -8.00 4.90 -22.72
C ILE A 69 -7.18 5.20 -23.97
N GLN A 70 -6.37 4.23 -24.40
CA GLN A 70 -5.61 4.35 -25.62
C GLN A 70 -6.39 3.81 -26.81
N ILE A 71 -6.37 4.55 -27.91
CA ILE A 71 -6.87 4.07 -29.19
C ILE A 71 -5.72 3.94 -30.16
N VAL A 72 -5.25 2.72 -30.37
CA VAL A 72 -4.12 2.47 -31.25
C VAL A 72 -4.59 1.96 -32.62
N LYS A 73 -4.03 2.53 -33.68
CA LYS A 73 -4.37 2.13 -35.06
C LYS A 73 -3.47 1.02 -35.59
N GLY A 74 -4.07 -0.07 -36.05
CA GLY A 74 -3.30 -1.16 -36.62
C GLY A 74 -3.51 -1.30 -38.11
N ASP A 75 -2.67 -2.11 -38.74
CA ASP A 75 -2.88 -2.50 -40.14
C ASP A 75 -4.34 -2.81 -40.42
N THR A 76 -4.90 -3.76 -39.66
CA THR A 76 -6.20 -4.33 -39.99
C THR A 76 -7.37 -3.93 -39.07
N ARG A 77 -7.15 -3.10 -38.04
CA ARG A 77 -8.25 -2.73 -37.13
C ARG A 77 -7.73 -1.73 -36.11
N TYR A 78 -8.65 -1.12 -35.38
CA TYR A 78 -8.34 -0.31 -34.23
C TYR A 78 -8.30 -1.13 -32.94
N GLU A 79 -7.45 -0.71 -32.01
CA GLU A 79 -7.34 -1.34 -30.69
C GLU A 79 -7.67 -0.33 -29.61
N LEU A 80 -8.75 -0.56 -28.87
CA LEU A 80 -8.99 0.18 -27.63
C LEU A 80 -8.24 -0.57 -26.55
N ARG A 81 -7.45 0.15 -25.77
CA ARG A 81 -6.62 -0.49 -24.77
C ARG A 81 -6.52 0.31 -23.49
N VAL A 82 -6.76 -0.35 -22.37
CA VAL A 82 -6.48 0.25 -21.09
C VAL A 82 -5.40 -0.55 -20.39
N SER A 83 -4.31 0.14 -20.06
CA SER A 83 -3.19 -0.48 -19.37
C SER A 83 -3.37 -0.22 -17.87
N SER A 84 -3.89 -1.21 -17.15
CA SER A 84 -4.27 -1.02 -15.76
C SER A 84 -4.38 -2.35 -15.03
N LYS A 85 -3.54 -2.55 -14.01
CA LYS A 85 -3.59 -3.76 -13.20
C LYS A 85 -4.95 -3.93 -12.54
N LYS A 86 -5.49 -2.82 -12.05
CA LYS A 86 -6.77 -2.86 -11.35
C LYS A 86 -7.94 -3.24 -12.28
N LEU A 87 -7.96 -2.63 -13.47
CA LEU A 87 -9.01 -2.92 -14.42
C LEU A 87 -8.87 -4.35 -14.95
N TYR A 88 -7.63 -4.77 -15.18
CA TYR A 88 -7.36 -6.14 -15.65
C TYR A 88 -7.98 -7.16 -14.68
N TYR A 89 -7.63 -7.04 -13.39
CA TYR A 89 -8.13 -7.98 -12.38
C TYR A 89 -9.63 -7.80 -12.15
N TYR A 90 -10.13 -6.57 -12.30
CA TYR A 90 -11.57 -6.38 -12.21
C TYR A 90 -12.31 -7.26 -13.24
N PHE A 91 -11.81 -7.27 -14.48
CA PHE A 91 -12.48 -8.04 -15.50
C PHE A 91 -12.15 -9.54 -15.39
N ALA A 92 -10.90 -9.85 -15.04
CA ALA A 92 -10.51 -11.24 -14.94
C ALA A 92 -11.28 -11.93 -13.81
N ASN A 93 -11.42 -11.23 -12.69
CA ASN A 93 -12.19 -11.79 -11.58
C ASN A 93 -13.68 -11.87 -11.92
N MET A 94 -14.17 -10.92 -12.72
CA MET A 94 -15.55 -10.98 -13.17
C MET A 94 -15.72 -12.24 -14.03
N LEU A 95 -14.71 -12.54 -14.85
CA LEU A 95 -14.83 -13.64 -15.80
C LEU A 95 -14.90 -14.98 -15.06
N GLU A 96 -14.11 -15.09 -14.00
CA GLU A 96 -14.11 -16.30 -13.18
C GLU A 96 -15.45 -16.56 -12.50
N ARG A 97 -16.28 -15.52 -12.35
CA ARG A 97 -17.56 -15.65 -11.66
C ARG A 97 -18.73 -15.56 -12.63
N ILE A 98 -18.46 -15.74 -13.92
CA ILE A 98 -19.49 -15.54 -14.92
C ILE A 98 -20.74 -16.41 -14.69
N ARG A 99 -20.56 -17.62 -14.16
CA ARG A 99 -21.70 -18.52 -13.86
C ARG A 99 -22.65 -17.89 -12.86
N LEU A 100 -22.14 -16.99 -12.03
CA LEU A 100 -22.96 -16.35 -11.01
C LEU A 100 -23.64 -15.08 -11.50
N PHE A 101 -23.58 -14.80 -12.81
CA PHE A 101 -24.15 -13.56 -13.32
C PHE A 101 -25.67 -13.52 -13.09
N ASN A 102 -26.18 -12.37 -12.69
CA ASN A 102 -27.63 -12.19 -12.58
C ASN A 102 -28.22 -11.92 -13.96
N MET A 103 -29.54 -11.82 -14.02
CA MET A 103 -30.26 -11.67 -15.27
C MET A 103 -29.83 -10.44 -16.05
N ARG A 104 -29.60 -9.35 -15.32
CA ARG A 104 -29.17 -8.12 -15.95
CA ARG A 104 -29.15 -8.10 -15.91
C ARG A 104 -27.79 -8.30 -16.59
N GLU A 105 -26.87 -8.89 -15.86
CA GLU A 105 -25.53 -9.17 -16.36
C GLU A 105 -25.54 -10.17 -17.51
N GLN A 106 -26.32 -11.25 -17.37
CA GLN A 106 -26.44 -12.24 -18.43
C GLN A 106 -26.81 -11.60 -19.74
N ILE A 107 -27.84 -10.78 -19.72
CA ILE A 107 -28.33 -10.14 -20.93
C ILE A 107 -27.29 -9.18 -21.52
N ALA A 108 -26.61 -8.41 -20.68
CA ALA A 108 -25.62 -7.47 -21.19
C ALA A 108 -24.41 -8.20 -21.79
N PHE A 109 -23.96 -9.27 -21.11
CA PHE A 109 -22.85 -10.09 -21.60
C PHE A 109 -23.18 -10.68 -22.98
N ILE A 110 -24.36 -11.29 -23.11
CA ILE A 110 -24.78 -11.88 -24.38
C ILE A 110 -24.85 -10.83 -25.47
N LYS A 111 -25.38 -9.66 -25.14
CA LYS A 111 -25.45 -8.56 -26.10
C LYS A 111 -24.06 -8.18 -26.58
N GLY A 112 -23.13 -8.06 -25.65
CA GLY A 112 -21.76 -7.71 -25.98
C GLY A 112 -21.09 -8.81 -26.79
N LEU A 113 -21.30 -10.06 -26.38
CA LEU A 113 -20.73 -11.19 -27.10
C LEU A 113 -21.28 -11.20 -28.52
N TYR A 114 -22.57 -10.90 -28.67
CA TYR A 114 -23.19 -10.90 -30.00
C TYR A 114 -22.64 -9.76 -30.85
N VAL A 115 -22.58 -8.55 -30.30
CA VAL A 115 -21.96 -7.45 -31.02
C VAL A 115 -20.55 -7.84 -31.50
N ALA A 116 -19.78 -8.51 -30.64
CA ALA A 116 -18.43 -8.94 -31.03
C ALA A 116 -18.41 -10.10 -32.04
N GLU A 117 -19.14 -11.19 -31.76
CA GLU A 117 -18.95 -12.45 -32.48
C GLU A 117 -20.19 -12.91 -33.24
N GLY A 118 -21.22 -12.08 -33.27
CA GLY A 118 -22.50 -12.51 -33.80
C GLY A 118 -22.70 -12.26 -35.28
N ASP A 119 -23.74 -12.87 -35.83
CA ASP A 119 -24.16 -12.66 -37.21
C ASP A 119 -24.82 -11.28 -37.30
N LYS A 120 -24.16 -10.33 -37.96
CA LYS A 120 -24.65 -8.95 -37.94
C LYS A 120 -25.88 -8.76 -38.80
N THR A 121 -26.01 -9.60 -39.81
CA THR A 121 -27.14 -9.50 -40.74
C THR A 121 -28.50 -9.73 -40.09
N LEU A 122 -28.52 -10.48 -38.99
CA LEU A 122 -29.75 -10.95 -38.35
C LEU A 122 -30.63 -11.83 -39.26
N LYS A 123 -30.23 -12.04 -40.52
CA LYS A 123 -30.83 -13.08 -41.36
C LYS A 123 -30.84 -14.38 -40.58
N ARG A 124 -29.72 -14.62 -39.90
CA ARG A 124 -29.60 -15.72 -38.99
CA ARG A 124 -29.59 -15.72 -38.98
C ARG A 124 -29.06 -15.19 -37.67
N LEU A 125 -29.30 -15.94 -36.60
CA LEU A 125 -28.85 -15.54 -35.29
C LEU A 125 -27.81 -16.57 -34.83
N ARG A 126 -26.55 -16.18 -34.96
CA ARG A 126 -25.43 -17.08 -34.76
C ARG A 126 -24.34 -16.39 -33.94
N ILE A 127 -23.75 -17.12 -33.00
CA ILE A 127 -22.54 -16.65 -32.32
C ILE A 127 -21.40 -17.65 -32.48
N TRP A 128 -20.25 -17.18 -32.93
CA TRP A 128 -19.10 -18.04 -33.13
C TRP A 128 -18.10 -17.94 -31.97
N ASN A 129 -17.55 -19.08 -31.57
CA ASN A 129 -16.40 -19.08 -30.63
C ASN A 129 -15.75 -20.46 -30.44
N LYS A 130 -14.44 -20.46 -30.23
CA LYS A 130 -13.73 -21.72 -29.93
C LYS A 130 -13.99 -22.22 -28.53
N ASN A 131 -14.45 -21.34 -27.66
CA ASN A 131 -14.64 -21.73 -26.26
C ASN A 131 -16.02 -22.36 -26.08
N LYS A 132 -16.08 -23.68 -26.21
CA LYS A 132 -17.37 -24.37 -26.13
C LYS A 132 -18.03 -24.18 -24.77
N ALA A 133 -17.22 -24.25 -23.72
CA ALA A 133 -17.72 -24.06 -22.37
C ALA A 133 -18.41 -22.68 -22.22
N LEU A 134 -17.84 -21.66 -22.84
CA LEU A 134 -18.44 -20.34 -22.77
C LEU A 134 -19.80 -20.34 -23.49
N LEU A 135 -19.87 -20.94 -24.68
CA LEU A 135 -21.14 -21.02 -25.40
C LEU A 135 -22.18 -21.85 -24.62
N GLU A 136 -21.74 -22.91 -23.92
CA GLU A 136 -22.69 -23.73 -23.15
C GLU A 136 -23.36 -22.89 -22.05
N ILE A 137 -22.56 -22.08 -21.38
CA ILE A 137 -23.11 -21.17 -20.38
C ILE A 137 -24.15 -20.26 -21.03
N VAL A 138 -23.75 -19.61 -22.12
CA VAL A 138 -24.68 -18.72 -22.82
C VAL A 138 -25.92 -19.52 -23.27
N SER A 139 -25.73 -20.75 -23.73
CA SER A 139 -26.88 -21.58 -24.13
C SER A 139 -27.90 -21.80 -22.98
N ARG A 140 -27.38 -22.05 -21.78
CA ARG A 140 -28.25 -22.30 -20.63
C ARG A 140 -29.02 -21.03 -20.23
N TRP A 141 -28.35 -19.89 -20.24
CA TRP A 141 -29.02 -18.63 -19.91
C TRP A 141 -30.10 -18.33 -20.92
N LEU A 142 -29.80 -18.58 -22.19
CA LEU A 142 -30.74 -18.35 -23.27
C LEU A 142 -31.94 -19.27 -23.12
N ASN A 143 -31.69 -20.53 -22.75
CA ASN A 143 -32.81 -21.44 -22.50
C ASN A 143 -33.69 -20.91 -21.36
N ASN A 144 -33.09 -20.43 -20.29
CA ASN A 144 -33.86 -19.85 -19.18
C ASN A 144 -34.62 -18.59 -19.59
N LEU A 145 -34.21 -17.96 -20.68
CA LEU A 145 -34.89 -16.76 -21.16
C LEU A 145 -35.90 -17.10 -22.24
N GLY A 146 -36.11 -18.39 -22.47
CA GLY A 146 -37.06 -18.81 -23.49
C GLY A 146 -36.54 -18.70 -24.91
N VAL A 147 -35.22 -18.64 -25.07
CA VAL A 147 -34.63 -18.64 -26.40
C VAL A 147 -33.96 -19.99 -26.71
N ARG A 148 -34.61 -20.74 -27.59
CA ARG A 148 -34.12 -22.07 -27.96
C ARG A 148 -32.90 -21.94 -28.86
N ASN A 149 -31.96 -22.88 -28.71
CA ASN A 149 -30.69 -22.77 -29.41
C ASN A 149 -29.96 -24.09 -29.47
N THR A 150 -29.04 -24.19 -30.39
CA THR A 150 -28.21 -25.39 -30.47
C THR A 150 -26.76 -24.98 -30.66
N ILE A 151 -25.85 -25.84 -30.22
CA ILE A 151 -24.42 -25.62 -30.41
C ILE A 151 -23.83 -26.75 -31.23
N HIS A 152 -23.04 -26.42 -32.24
CA HIS A 152 -22.39 -27.42 -33.09
CA HIS A 152 -22.30 -27.49 -32.91
C HIS A 152 -20.98 -26.96 -33.43
N LEU A 153 -20.12 -27.88 -33.82
CA LEU A 153 -18.82 -27.51 -34.33
C LEU A 153 -18.98 -27.04 -35.77
N ASP A 154 -18.89 -25.72 -35.99
CA ASP A 154 -19.18 -25.12 -37.28
C ASP A 154 -18.00 -25.20 -38.25
N ASP A 155 -16.83 -24.76 -37.78
CA ASP A 155 -15.62 -24.70 -38.59
C ASP A 155 -14.66 -25.81 -38.14
N HIS A 156 -14.52 -26.93 -38.87
CA HIS A 156 -13.74 -27.94 -38.19
C HIS A 156 -12.25 -27.67 -38.51
N ARG A 157 -11.93 -26.69 -39.37
CA ARG A 157 -10.54 -26.33 -39.61
C ARG A 157 -9.90 -25.67 -38.38
N HIS A 158 -10.69 -24.94 -37.60
CA HIS A 158 -10.11 -24.17 -36.49
C HIS A 158 -10.76 -24.45 -35.15
N GLY A 159 -11.67 -25.42 -35.12
CA GLY A 159 -12.31 -25.82 -33.88
C GLY A 159 -13.28 -24.77 -33.36
N VAL A 160 -13.88 -24.01 -34.27
CA VAL A 160 -14.81 -22.96 -33.88
C VAL A 160 -16.25 -23.45 -33.82
N TYR A 161 -16.83 -23.35 -32.63
CA TYR A 161 -18.22 -23.71 -32.43
C TYR A 161 -19.14 -22.58 -32.86
N VAL A 162 -20.38 -22.91 -33.17
CA VAL A 162 -21.36 -21.88 -33.38
C VAL A 162 -22.51 -22.15 -32.44
N LEU A 163 -23.02 -21.09 -31.84
CA LEU A 163 -24.30 -21.18 -31.15
C LEU A 163 -25.37 -20.63 -32.10
N ASN A 164 -26.33 -21.47 -32.50
CA ASN A 164 -27.41 -21.04 -33.39
C ASN A 164 -28.68 -20.75 -32.61
N ILE A 165 -29.14 -19.51 -32.67
CA ILE A 165 -30.36 -19.17 -31.98
C ILE A 165 -31.53 -19.49 -32.90
N SER A 166 -32.47 -20.28 -32.39
CA SER A 166 -33.58 -20.70 -33.25
C SER A 166 -34.37 -19.48 -33.75
N LEU A 167 -34.56 -19.40 -35.06
CA LEU A 167 -35.35 -18.29 -35.62
C LEU A 167 -36.81 -18.30 -35.15
N ARG A 168 -37.29 -19.44 -34.63
CA ARG A 168 -38.59 -19.50 -33.98
C ARG A 168 -38.68 -18.48 -32.85
N ASP A 169 -37.53 -18.14 -32.26
CA ASP A 169 -37.53 -17.20 -31.15
C ASP A 169 -36.82 -15.90 -31.47
N ARG A 170 -36.83 -15.50 -32.73
CA ARG A 170 -36.01 -14.36 -33.13
C ARG A 170 -36.47 -13.06 -32.49
N ILE A 171 -37.78 -12.89 -32.36
CA ILE A 171 -38.31 -11.67 -31.75
C ILE A 171 -37.90 -11.60 -30.29
N LYS A 172 -38.11 -12.68 -29.56
CA LYS A 172 -37.69 -12.68 -28.16
C LYS A 172 -36.17 -12.42 -28.04
N PHE A 173 -35.36 -13.04 -28.90
CA PHE A 173 -33.91 -12.81 -28.77
C PHE A 173 -33.52 -11.38 -29.10
N VAL A 174 -33.99 -10.86 -30.24
CA VAL A 174 -33.58 -9.51 -30.60
C VAL A 174 -34.16 -8.47 -29.60
N HIS A 175 -35.46 -8.56 -29.27
CA HIS A 175 -36.10 -7.58 -28.40
CA HIS A 175 -36.09 -7.57 -28.40
C HIS A 175 -35.51 -7.59 -26.99
N THR A 176 -35.39 -8.78 -26.41
CA THR A 176 -34.87 -8.94 -25.05
C THR A 176 -33.37 -8.71 -24.93
N ILE A 177 -32.61 -9.19 -25.91
CA ILE A 177 -31.15 -9.20 -25.77
C ILE A 177 -30.46 -8.12 -26.58
N LEU A 178 -30.56 -8.20 -27.90
CA LEU A 178 -29.81 -7.31 -28.77
C LEU A 178 -30.25 -5.85 -28.62
N SER A 179 -31.50 -5.56 -28.97
CA SER A 179 -32.03 -4.20 -28.87
C SER A 179 -32.70 -3.98 -27.52
N SER A 180 -32.03 -4.43 -26.47
CA SER A 180 -32.40 -4.18 -25.09
C SER A 180 -31.93 -2.78 -24.85
N HIS A 181 -32.69 -1.94 -24.19
CA HIS A 181 -32.03 -0.68 -24.02
C HIS A 181 -31.81 -0.51 -22.52
N LEU A 182 -31.66 -1.68 -21.89
CA LEU A 182 -31.27 -1.83 -20.50
C LEU A 182 -29.89 -1.24 -20.29
N ASN A 183 -29.67 -0.71 -19.09
CA ASN A 183 -28.43 -0.02 -18.71
C ASN A 183 -27.69 0.67 -19.86
N PRO A 184 -28.19 1.84 -20.28
CA PRO A 184 -27.56 2.64 -21.34
C PRO A 184 -26.30 3.38 -20.85
N LEU A 185 -26.38 4.69 -20.66
CA LEU A 185 -25.25 5.45 -20.16
C LEU A 185 -25.71 6.74 -19.47
N GLU D 5 -5.03 7.81 29.02
CA GLU D 5 -5.95 7.98 27.89
C GLU D 5 -6.86 6.76 27.74
N ASN D 6 -8.04 6.98 27.18
CA ASN D 6 -9.05 5.94 27.06
C ASN D 6 -8.60 4.77 26.20
N VAL D 7 -8.17 5.08 24.97
CA VAL D 7 -7.79 4.05 24.00
C VAL D 7 -6.68 3.12 24.52
N SER D 8 -5.62 3.71 25.08
CA SER D 8 -4.50 2.90 25.55
C SER D 8 -4.91 2.01 26.73
N GLY D 9 -5.84 2.48 27.56
CA GLY D 9 -6.28 1.69 28.69
C GLY D 9 -7.08 0.49 28.22
N ILE D 10 -8.05 0.74 27.34
CA ILE D 10 -8.87 -0.30 26.80
C ILE D 10 -8.00 -1.30 26.03
N SER D 11 -7.01 -0.80 25.31
CA SER D 11 -6.06 -1.64 24.58
C SER D 11 -5.34 -2.59 25.52
N ALA D 12 -4.81 -2.06 26.62
CA ALA D 12 -4.03 -2.87 27.56
C ALA D 12 -4.92 -3.89 28.27
N TYR D 13 -6.13 -3.49 28.62
CA TYR D 13 -7.11 -4.44 29.14
C TYR D 13 -7.35 -5.62 28.17
N LEU D 14 -7.65 -5.29 26.91
CA LEU D 14 -7.92 -6.30 25.91
C LEU D 14 -6.71 -7.22 25.73
N LEU D 15 -5.53 -6.63 25.78
CA LEU D 15 -4.31 -7.41 25.62
C LEU D 15 -4.16 -8.45 26.75
N GLY D 16 -4.51 -8.05 27.97
CA GLY D 16 -4.52 -8.98 29.10
C GLY D 16 -5.47 -10.16 28.85
N LEU D 17 -6.68 -9.88 28.39
CA LEU D 17 -7.62 -10.93 28.00
C LEU D 17 -7.06 -11.78 26.87
N ILE D 18 -6.41 -11.12 25.91
CA ILE D 18 -5.94 -11.81 24.71
C ILE D 18 -4.82 -12.76 25.10
N ILE D 19 -3.85 -12.25 25.85
CA ILE D 19 -2.70 -13.05 26.24
CA ILE D 19 -2.70 -13.04 26.24
C ILE D 19 -3.14 -14.16 27.18
N GLY D 20 -4.09 -13.85 28.06
CA GLY D 20 -4.63 -14.86 28.94
C GLY D 20 -5.50 -15.89 28.20
N ASP D 21 -6.64 -15.46 27.66
CA ASP D 21 -7.65 -16.42 27.21
C ASP D 21 -7.79 -16.55 25.69
N GLY D 22 -6.84 -15.97 24.96
CA GLY D 22 -6.94 -16.01 23.50
C GLY D 22 -5.56 -16.06 22.87
N GLY D 23 -5.35 -15.27 21.82
CA GLY D 23 -4.03 -15.22 21.22
C GLY D 23 -3.98 -14.37 19.96
N LEU D 24 -2.76 -14.21 19.44
CA LEU D 24 -2.50 -13.45 18.25
C LEU D 24 -1.99 -14.46 17.24
N TYR D 25 -2.67 -14.60 16.12
CA TYR D 25 -2.28 -15.65 15.20
C TYR D 25 -2.03 -15.13 13.80
N LYS D 26 -0.87 -15.48 13.27
CA LYS D 26 -0.52 -15.21 11.89
CA LYS D 26 -0.51 -15.20 11.89
C LYS D 26 -0.62 -16.50 11.10
N LEU D 27 -1.57 -16.57 10.19
CA LEU D 27 -1.86 -17.82 9.49
C LEU D 27 -1.43 -17.79 8.05
N LYS D 28 -0.90 -18.92 7.58
CA LYS D 28 -0.63 -19.11 6.17
C LYS D 28 -1.54 -20.23 5.68
N TYR D 29 -2.13 -20.03 4.51
CA TYR D 29 -3.04 -21.00 3.93
C TYR D 29 -2.47 -21.46 2.59
N LYS D 30 -3.02 -22.53 2.02
CA LYS D 30 -2.68 -22.84 0.63
C LYS D 30 -3.29 -21.74 -0.22
N GLY D 31 -2.50 -21.14 -1.10
CA GLY D 31 -2.98 -19.94 -1.76
C GLY D 31 -2.03 -19.14 -2.63
N ASN D 32 -0.92 -18.64 -2.09
CA ASN D 32 -0.60 -18.65 -0.68
C ASN D 32 -1.37 -17.53 0.02
N ARG D 33 -2.55 -17.89 0.47
CA ARG D 33 -3.44 -17.00 1.17
C ARG D 33 -2.92 -16.81 2.59
N SER D 34 -3.47 -15.83 3.29
CA SER D 34 -3.06 -15.64 4.68
C SER D 34 -4.18 -15.03 5.53
N GLU D 35 -3.92 -14.91 6.81
CA GLU D 35 -4.88 -14.33 7.74
C GLU D 35 -4.16 -13.92 9.03
N TYR D 36 -4.66 -12.87 9.65
CA TYR D 36 -4.07 -12.32 10.87
C TYR D 36 -5.20 -12.22 11.89
N ARG D 37 -5.10 -12.95 12.98
CA ARG D 37 -6.22 -13.03 13.92
C ARG D 37 -5.93 -12.51 15.30
N VAL D 38 -6.88 -11.72 15.81
CA VAL D 38 -6.90 -11.31 17.20
C VAL D 38 -8.06 -12.06 17.87
N VAL D 39 -7.75 -12.85 18.91
CA VAL D 39 -8.73 -13.79 19.46
C VAL D 39 -8.83 -13.71 20.97
N ILE D 40 -10.06 -13.77 21.46
CA ILE D 40 -10.33 -13.99 22.88
C ILE D 40 -11.37 -15.10 22.99
N THR D 41 -11.11 -16.14 23.78
CA THR D 41 -12.09 -17.21 23.94
C THR D 41 -12.64 -17.18 25.34
N GLN D 42 -13.84 -17.72 25.51
CA GLN D 42 -14.54 -17.68 26.79
C GLN D 42 -15.77 -18.58 26.75
N LYS D 43 -16.06 -19.24 27.88
CA LYS D 43 -17.24 -20.09 27.92
C LYS D 43 -18.51 -19.23 27.86
N SER D 44 -18.56 -18.19 28.71
CA SER D 44 -19.74 -17.33 28.74
C SER D 44 -19.94 -16.47 27.49
N GLU D 45 -21.02 -16.79 26.78
CA GLU D 45 -21.44 -15.99 25.63
CA GLU D 45 -21.49 -16.01 25.65
C GLU D 45 -21.78 -14.56 26.04
N ASN D 46 -22.38 -14.40 27.21
CA ASN D 46 -22.74 -13.06 27.69
C ASN D 46 -21.50 -12.21 27.89
N LEU D 47 -20.50 -12.77 28.56
CA LEU D 47 -19.29 -12.00 28.85
C LEU D 47 -18.67 -11.52 27.53
N ILE D 48 -18.63 -12.40 26.55
CA ILE D 48 -18.09 -12.02 25.24
C ILE D 48 -18.93 -10.92 24.59
N LYS D 49 -20.24 -11.17 24.43
CA LYS D 49 -21.08 -10.23 23.71
C LYS D 49 -21.32 -8.93 24.46
N GLN D 50 -21.40 -8.99 25.79
CA GLN D 50 -21.82 -7.82 26.57
C GLN D 50 -20.66 -7.03 27.16
N HIS D 51 -19.63 -7.72 27.63
CA HIS D 51 -18.51 -7.02 28.25
C HIS D 51 -17.35 -6.81 27.26
N ILE D 52 -16.93 -7.89 26.60
CA ILE D 52 -15.71 -7.82 25.82
C ILE D 52 -15.90 -7.17 24.44
N ALA D 53 -16.84 -7.69 23.65
CA ALA D 53 -17.07 -7.21 22.28
C ALA D 53 -17.25 -5.69 22.15
N PRO D 54 -18.06 -5.07 23.04
CA PRO D 54 -18.18 -3.59 22.95
C PRO D 54 -16.87 -2.82 23.17
N LEU D 55 -15.98 -3.33 24.03
CA LEU D 55 -14.67 -2.70 24.16
C LEU D 55 -13.86 -2.87 22.87
N MET D 56 -13.88 -4.08 22.30
CA MET D 56 -13.12 -4.33 21.09
C MET D 56 -13.67 -3.50 19.93
N GLN D 57 -14.98 -3.30 19.90
CA GLN D 57 -15.60 -2.56 18.78
C GLN D 57 -15.20 -1.09 18.87
N PHE D 58 -15.18 -0.59 20.09
CA PHE D 58 -14.73 0.77 20.32
C PHE D 58 -13.29 0.93 19.79
N LEU D 59 -12.42 -0.01 20.15
CA LEU D 59 -11.02 0.07 19.71
C LEU D 59 -10.95 0.00 18.20
N ILE D 60 -11.71 -0.91 17.61
CA ILE D 60 -11.77 -1.05 16.15
CA ILE D 60 -11.72 -1.06 16.15
C ILE D 60 -12.10 0.27 15.45
N ASP D 61 -13.11 0.95 15.98
CA ASP D 61 -13.58 2.21 15.38
C ASP D 61 -12.54 3.31 15.55
N GLU D 62 -11.93 3.37 16.73
CA GLU D 62 -10.93 4.39 17.01
C GLU D 62 -9.69 4.25 16.15
N LEU D 63 -9.37 3.02 15.74
CA LEU D 63 -8.18 2.76 14.95
C LEU D 63 -8.51 2.73 13.47
N ASN D 64 -9.78 2.95 13.15
CA ASN D 64 -10.28 2.82 11.78
C ASN D 64 -9.93 1.49 11.14
N VAL D 65 -10.10 0.42 11.91
CA VAL D 65 -9.98 -0.94 11.39
C VAL D 65 -11.27 -1.31 10.69
N LYS D 66 -11.18 -1.83 9.48
CA LYS D 66 -12.38 -2.13 8.68
C LYS D 66 -12.96 -3.51 8.98
N SER D 67 -12.15 -4.37 9.59
CA SER D 67 -12.55 -5.71 9.97
C SER D 67 -13.73 -5.74 10.94
N LYS D 68 -14.49 -6.82 10.89
CA LYS D 68 -15.59 -6.99 11.81
C LYS D 68 -15.24 -7.94 12.95
N ILE D 69 -16.01 -7.81 14.03
CA ILE D 69 -15.94 -8.73 15.15
C ILE D 69 -16.75 -9.98 14.85
N GLN D 70 -16.08 -11.11 14.75
CA GLN D 70 -16.77 -12.37 14.61
C GLN D 70 -16.92 -13.01 15.98
N ILE D 71 -18.11 -13.55 16.24
CA ILE D 71 -18.35 -14.40 17.40
C ILE D 71 -18.65 -15.81 16.94
N VAL D 72 -17.73 -16.75 17.18
CA VAL D 72 -17.89 -18.10 16.68
C VAL D 72 -18.19 -19.06 17.84
N LYS D 73 -19.22 -19.88 17.66
CA LYS D 73 -19.60 -20.82 18.72
C LYS D 73 -18.84 -22.11 18.55
N GLY D 74 -17.96 -22.44 19.51
CA GLY D 74 -17.20 -23.66 19.47
C GLY D 74 -17.86 -24.72 20.33
N ASP D 75 -17.33 -25.95 20.29
CA ASP D 75 -17.85 -27.05 21.11
C ASP D 75 -17.80 -26.76 22.62
N THR D 76 -16.73 -26.10 23.07
CA THR D 76 -16.48 -25.93 24.50
C THR D 76 -16.39 -24.47 24.94
N ARG D 77 -16.50 -23.55 23.99
CA ARG D 77 -16.28 -22.14 24.27
C ARG D 77 -16.72 -21.27 23.09
N TYR D 78 -17.00 -20.01 23.38
CA TYR D 78 -17.16 -19.03 22.31
C TYR D 78 -15.83 -18.40 21.96
N GLU D 79 -15.70 -17.98 20.71
CA GLU D 79 -14.49 -17.32 20.24
C GLU D 79 -14.83 -15.94 19.73
N LEU D 80 -14.26 -14.91 20.34
CA LEU D 80 -14.34 -13.59 19.74
C LEU D 80 -13.13 -13.44 18.85
N ARG D 81 -13.37 -13.13 17.58
CA ARG D 81 -12.31 -13.09 16.59
C ARG D 81 -12.37 -11.83 15.75
N VAL D 82 -11.23 -11.15 15.62
CA VAL D 82 -11.09 -10.10 14.61
C VAL D 82 -10.03 -10.48 13.60
N SER D 83 -10.44 -10.59 12.35
CA SER D 83 -9.51 -10.93 11.28
C SER D 83 -8.94 -9.64 10.66
N SER D 84 -7.77 -9.23 11.13
CA SER D 84 -7.19 -7.95 10.69
C SER D 84 -5.68 -7.85 10.90
N LYS D 85 -4.95 -7.73 9.80
CA LYS D 85 -3.49 -7.57 9.84
C LYS D 85 -3.11 -6.35 10.66
N LYS D 86 -3.87 -5.27 10.47
CA LYS D 86 -3.61 -4.03 11.18
C LYS D 86 -3.80 -4.20 12.69
N LEU D 87 -4.90 -4.84 13.09
CA LEU D 87 -5.18 -5.00 14.51
C LEU D 87 -4.21 -5.99 15.14
N TYR D 88 -3.85 -7.02 14.37
CA TYR D 88 -2.87 -8.01 14.81
C TYR D 88 -1.52 -7.34 15.17
N TYR D 89 -0.97 -6.53 14.25
CA TYR D 89 0.32 -5.90 14.57
C TYR D 89 0.17 -4.85 15.65
N TYR D 90 -0.99 -4.18 15.69
CA TYR D 90 -1.22 -3.24 16.77
C TYR D 90 -1.06 -3.93 18.14
N PHE D 91 -1.70 -5.08 18.34
CA PHE D 91 -1.52 -5.74 19.63
C PHE D 91 -0.13 -6.40 19.78
N ALA D 92 0.42 -6.92 18.69
CA ALA D 92 1.71 -7.62 18.75
C ALA D 92 2.84 -6.64 19.06
N ASN D 93 2.76 -5.44 18.52
CA ASN D 93 3.77 -4.42 18.83
C ASN D 93 3.62 -3.91 20.25
N MET D 94 2.38 -3.71 20.68
CA MET D 94 2.10 -3.36 22.07
C MET D 94 2.74 -4.41 22.97
N LEU D 95 2.53 -5.69 22.66
CA LEU D 95 3.02 -6.77 23.51
C LEU D 95 4.56 -6.75 23.64
N GLU D 96 5.29 -6.44 22.58
CA GLU D 96 6.73 -6.48 22.75
C GLU D 96 7.24 -5.23 23.50
N ARG D 97 6.41 -4.18 23.58
CA ARG D 97 6.76 -3.02 24.40
C ARG D 97 6.16 -3.07 25.80
N ILE D 98 5.70 -4.24 26.23
CA ILE D 98 4.92 -4.35 27.47
C ILE D 98 5.67 -3.81 28.71
N ARG D 99 6.98 -4.01 28.77
CA ARG D 99 7.79 -3.47 29.88
C ARG D 99 7.73 -1.95 30.00
N LEU D 100 7.27 -1.27 28.94
CA LEU D 100 7.19 0.19 28.96
C LEU D 100 5.80 0.72 29.29
N PHE D 101 4.85 -0.16 29.62
CA PHE D 101 3.52 0.32 30.00
C PHE D 101 3.62 1.31 31.16
N ASN D 102 2.89 2.42 31.07
CA ASN D 102 2.77 3.32 32.22
C ASN D 102 1.83 2.71 33.27
N MET D 103 1.64 3.43 34.38
CA MET D 103 0.90 2.88 35.51
C MET D 103 -0.51 2.51 35.10
N ARG D 104 -1.12 3.40 34.31
CA ARG D 104 -2.48 3.23 33.86
C ARG D 104 -2.64 1.97 33.00
N GLU D 105 -1.75 1.80 32.02
CA GLU D 105 -1.75 0.61 31.19
C GLU D 105 -1.45 -0.66 31.99
N GLN D 106 -0.56 -0.56 32.98
CA GLN D 106 -0.22 -1.73 33.79
C GLN D 106 -1.45 -2.25 34.48
N ILE D 107 -2.20 -1.33 35.09
CA ILE D 107 -3.38 -1.72 35.84
C ILE D 107 -4.44 -2.30 34.89
N ALA D 108 -4.63 -1.65 33.75
CA ALA D 108 -5.55 -2.19 32.76
C ALA D 108 -5.15 -3.61 32.38
N PHE D 109 -3.85 -3.83 32.15
CA PHE D 109 -3.36 -5.16 31.74
C PHE D 109 -3.57 -6.19 32.81
N ILE D 110 -3.29 -5.81 34.04
CA ILE D 110 -3.42 -6.72 35.17
C ILE D 110 -4.88 -7.10 35.40
N LYS D 111 -5.79 -6.15 35.25
CA LYS D 111 -7.23 -6.45 35.24
C LYS D 111 -7.58 -7.52 34.20
N GLY D 112 -7.10 -7.29 32.98
CA GLY D 112 -7.43 -8.17 31.88
C GLY D 112 -6.88 -9.57 32.12
N LEU D 113 -5.62 -9.63 32.53
CA LEU D 113 -4.97 -10.89 32.79
C LEU D 113 -5.68 -11.64 33.90
N TYR D 114 -6.15 -10.90 34.91
CA TYR D 114 -6.83 -11.54 36.03
C TYR D 114 -8.20 -12.06 35.61
N VAL D 115 -8.96 -11.27 34.86
CA VAL D 115 -10.24 -11.79 34.35
C VAL D 115 -10.01 -13.10 33.58
N ALA D 116 -8.94 -13.14 32.80
CA ALA D 116 -8.67 -14.32 31.98
C ALA D 116 -8.18 -15.51 32.81
N GLU D 117 -7.12 -15.27 33.60
CA GLU D 117 -6.31 -16.34 34.21
C GLU D 117 -6.38 -16.36 35.72
N GLY D 118 -7.17 -15.47 36.30
CA GLY D 118 -7.18 -15.29 37.74
C GLY D 118 -8.12 -16.21 38.51
N ASP D 119 -7.92 -16.29 39.82
CA ASP D 119 -8.82 -16.98 40.74
C ASP D 119 -10.06 -16.10 40.96
N LYS D 120 -11.18 -16.44 40.34
CA LYS D 120 -12.34 -15.55 40.35
C LYS D 120 -13.18 -15.61 41.63
N THR D 121 -12.82 -16.49 42.57
CA THR D 121 -13.51 -16.48 43.86
C THR D 121 -13.10 -15.28 44.69
N LEU D 122 -11.95 -14.70 44.35
CA LEU D 122 -11.32 -13.62 45.14
C LEU D 122 -11.02 -14.01 46.60
N LYS D 123 -11.36 -15.25 46.98
CA LYS D 123 -10.97 -15.81 48.28
C LYS D 123 -9.46 -15.90 48.35
N ARG D 124 -8.87 -16.44 47.29
CA ARG D 124 -7.44 -16.41 47.08
C ARG D 124 -7.16 -15.57 45.84
N LEU D 125 -5.99 -14.98 45.76
CA LEU D 125 -5.69 -14.09 44.66
C LEU D 125 -4.52 -14.66 43.88
N ARG D 126 -4.86 -15.35 42.78
CA ARG D 126 -3.90 -16.15 42.03
C ARG D 126 -4.04 -15.91 40.51
N ILE D 127 -2.90 -15.88 39.82
CA ILE D 127 -2.87 -15.84 38.37
C ILE D 127 -2.00 -16.99 37.87
N TRP D 128 -2.57 -17.87 37.04
CA TRP D 128 -1.83 -19.00 36.48
C TRP D 128 -1.34 -18.71 35.05
N ASN D 129 -0.14 -19.18 34.74
CA ASN D 129 0.37 -19.09 33.37
C ASN D 129 1.66 -19.90 33.19
N LYS D 130 1.90 -20.37 31.98
CA LYS D 130 3.12 -21.11 31.67
C LYS D 130 4.26 -20.16 31.32
N ASN D 131 3.89 -18.93 30.99
CA ASN D 131 4.87 -17.91 30.66
C ASN D 131 5.46 -17.24 31.91
N LYS D 132 6.55 -17.79 32.43
CA LYS D 132 7.14 -17.30 33.68
C LYS D 132 7.56 -15.83 33.57
N ALA D 133 8.22 -15.48 32.47
CA ALA D 133 8.67 -14.10 32.27
C ALA D 133 7.50 -13.11 32.31
N LEU D 134 6.35 -13.51 31.76
CA LEU D 134 5.18 -12.63 31.84
C LEU D 134 4.75 -12.40 33.30
N LEU D 135 4.66 -13.47 34.07
CA LEU D 135 4.30 -13.33 35.48
C LEU D 135 5.34 -12.50 36.24
N GLU D 136 6.61 -12.66 35.90
CA GLU D 136 7.70 -11.92 36.54
CA GLU D 136 7.65 -11.91 36.60
C GLU D 136 7.54 -10.42 36.31
N ILE D 137 7.10 -10.06 35.10
CA ILE D 137 6.83 -8.66 34.79
C ILE D 137 5.67 -8.17 35.67
N VAL D 138 4.59 -8.92 35.68
CA VAL D 138 3.42 -8.52 36.46
C VAL D 138 3.80 -8.40 37.93
N SER D 139 4.64 -9.34 38.39
CA SER D 139 5.15 -9.31 39.76
C SER D 139 5.87 -8.00 40.13
N ARG D 140 6.73 -7.52 39.24
CA ARG D 140 7.44 -6.28 39.50
CA ARG D 140 7.44 -6.28 39.50
C ARG D 140 6.47 -5.12 39.54
N TRP D 141 5.50 -5.12 38.63
CA TRP D 141 4.47 -4.09 38.59
C TRP D 141 3.70 -4.01 39.88
N LEU D 142 3.31 -5.19 40.40
CA LEU D 142 2.56 -5.30 41.62
C LEU D 142 3.38 -4.80 42.82
N ASN D 143 4.61 -5.30 42.97
CA ASN D 143 5.48 -4.81 44.03
C ASN D 143 5.55 -3.28 44.01
N ASN D 144 5.80 -2.70 42.84
CA ASN D 144 5.84 -1.26 42.70
C ASN D 144 4.53 -0.59 43.11
N LEU D 145 3.42 -1.35 43.02
CA LEU D 145 2.10 -0.85 43.41
C LEU D 145 1.77 -1.13 44.87
N GLY D 146 2.74 -1.67 45.60
CA GLY D 146 2.55 -1.94 47.01
C GLY D 146 1.80 -3.23 47.29
N VAL D 147 1.68 -4.08 46.27
CA VAL D 147 1.02 -5.37 46.41
C VAL D 147 2.02 -6.52 46.43
N ARG D 148 2.15 -7.16 47.58
CA ARG D 148 3.14 -8.22 47.74
C ARG D 148 2.67 -9.52 47.13
N ASN D 149 3.61 -10.33 46.68
CA ASN D 149 3.29 -11.49 45.87
C ASN D 149 4.47 -12.42 45.70
N THR D 150 4.19 -13.65 45.28
CA THR D 150 5.21 -14.67 45.05
C THR D 150 4.88 -15.44 43.78
N ILE D 151 5.89 -16.10 43.20
CA ILE D 151 5.70 -16.93 42.02
C ILE D 151 6.29 -18.32 42.24
N HIS D 152 5.50 -19.36 42.08
CA HIS D 152 5.99 -20.73 42.20
CA HIS D 152 6.06 -20.70 42.13
C HIS D 152 5.45 -21.59 41.07
N LEU D 153 6.09 -22.73 40.84
CA LEU D 153 5.59 -23.72 39.92
C LEU D 153 4.40 -24.43 40.59
N ASP D 154 3.20 -24.16 40.07
CA ASP D 154 1.98 -24.65 40.67
C ASP D 154 1.50 -25.98 40.10
N ASP D 155 1.84 -26.23 38.84
CA ASP D 155 1.46 -27.50 38.20
C ASP D 155 2.70 -28.14 37.61
N HIS D 156 3.20 -29.18 38.27
CA HIS D 156 4.44 -29.85 37.83
C HIS D 156 4.18 -30.71 36.60
N ARG D 157 2.91 -31.05 36.36
CA ARG D 157 2.56 -31.87 35.21
C ARG D 157 2.76 -31.11 33.89
N HIS D 158 2.29 -29.86 33.85
CA HIS D 158 2.25 -29.13 32.59
C HIS D 158 3.21 -27.94 32.55
N GLY D 159 3.87 -27.66 33.65
CA GLY D 159 4.80 -26.53 33.68
C GLY D 159 4.10 -25.20 33.85
N VAL D 160 3.00 -25.20 34.60
CA VAL D 160 2.23 -23.98 34.83
C VAL D 160 2.60 -23.33 36.14
N TYR D 161 3.07 -22.09 36.05
CA TYR D 161 3.42 -21.32 37.23
C TYR D 161 2.20 -20.61 37.78
N VAL D 162 2.27 -20.21 39.06
CA VAL D 162 1.21 -19.39 39.62
C VAL D 162 1.84 -18.17 40.26
N LEU D 163 1.18 -17.02 40.08
CA LEU D 163 1.55 -15.82 40.81
C LEU D 163 0.50 -15.70 41.90
N ASN D 164 0.97 -15.69 43.14
CA ASN D 164 0.07 -15.59 44.29
C ASN D 164 0.17 -14.21 44.91
N ILE D 165 -0.95 -13.51 44.95
CA ILE D 165 -0.99 -12.24 45.65
C ILE D 165 -1.27 -12.49 47.14
N SER D 166 -0.41 -11.96 47.99
CA SER D 166 -0.55 -12.16 49.44
C SER D 166 -1.85 -11.57 49.97
N LEU D 167 -2.59 -12.37 50.72
CA LEU D 167 -3.88 -11.95 51.27
C LEU D 167 -3.75 -10.73 52.20
N ARG D 168 -2.55 -10.53 52.75
CA ARG D 168 -2.23 -9.31 53.50
C ARG D 168 -2.56 -8.07 52.70
N ASP D 169 -2.43 -8.14 51.37
CA ASP D 169 -2.74 -6.97 50.57
C ASP D 169 -4.00 -7.13 49.73
N ARG D 170 -4.96 -7.91 50.23
CA ARG D 170 -6.14 -8.24 49.43
C ARG D 170 -6.94 -6.98 49.10
N ILE D 171 -7.08 -6.09 50.07
CA ILE D 171 -7.93 -4.91 49.91
C ILE D 171 -7.26 -3.96 48.95
N LYS D 172 -5.97 -3.76 49.11
CA LYS D 172 -5.23 -2.90 48.19
C LYS D 172 -5.41 -3.42 46.76
N PHE D 173 -5.14 -4.70 46.51
CA PHE D 173 -5.28 -5.28 45.17
C PHE D 173 -6.70 -5.10 44.59
N VAL D 174 -7.70 -5.53 45.33
CA VAL D 174 -9.06 -5.49 44.82
C VAL D 174 -9.56 -4.06 44.56
N HIS D 175 -9.23 -3.12 45.44
CA HIS D 175 -9.87 -1.82 45.30
CA HIS D 175 -9.81 -1.77 45.40
C HIS D 175 -9.04 -0.81 44.52
N THR D 176 -7.72 -0.97 44.49
CA THR D 176 -6.91 0.01 43.80
C THR D 176 -6.51 -0.51 42.42
N ILE D 177 -6.58 -1.81 42.22
CA ILE D 177 -6.19 -2.37 40.93
C ILE D 177 -7.43 -2.91 40.19
N LEU D 178 -8.07 -3.97 40.69
CA LEU D 178 -9.26 -4.49 40.01
C LEU D 178 -10.38 -3.45 39.89
N SER D 179 -10.44 -2.50 40.81
CA SER D 179 -11.57 -1.56 40.82
C SER D 179 -11.28 -0.14 40.33
N SER D 180 -10.08 0.11 39.79
CA SER D 180 -9.74 1.44 39.28
C SER D 180 -10.67 1.93 38.15
N HIS D 181 -11.10 3.18 38.25
CA HIS D 181 -11.99 3.78 37.25
C HIS D 181 -11.25 4.50 36.12
N LEU D 182 -9.95 4.22 36.00
CA LEU D 182 -9.14 4.84 34.95
C LEU D 182 -9.23 4.04 33.65
N ASN D 183 -9.84 2.86 33.73
CA ASN D 183 -10.01 1.94 32.60
C ASN D 183 -11.20 1.02 32.91
N PRO D 184 -11.65 0.20 31.92
CA PRO D 184 -12.85 -0.61 32.18
C PRO D 184 -12.79 -1.50 33.42
N LEU D 185 -13.91 -1.53 34.13
CA LEU D 185 -14.09 -2.40 35.29
C LEU D 185 -14.35 -3.83 34.85
N PRO D 186 -13.57 -4.77 35.39
CA PRO D 186 -13.87 -6.20 35.20
C PRO D 186 -15.23 -6.50 35.84
N PRO D 187 -15.93 -7.54 35.35
CA PRO D 187 -17.30 -7.87 35.75
C PRO D 187 -17.54 -7.90 37.26
N GLU D 188 -16.78 -8.73 37.99
CA GLU D 188 -17.05 -8.90 39.42
C GLU D 188 -16.73 -7.63 40.21
N ALA D 189 -15.68 -6.91 39.80
CA ALA D 189 -15.34 -5.66 40.45
C ALA D 189 -16.50 -4.67 40.30
N ALA D 190 -17.04 -4.56 39.09
CA ALA D 190 -18.17 -3.68 38.83
C ALA D 190 -19.38 -4.07 39.66
N ALA D 191 -19.60 -5.37 39.82
CA ALA D 191 -20.74 -5.87 40.58
C ALA D 191 -20.59 -5.53 42.06
N LEU D 192 -19.37 -5.67 42.58
CA LEU D 192 -19.10 -5.39 44.00
C LEU D 192 -19.38 -3.92 44.30
N GLU D 193 -18.93 -3.06 43.38
CA GLU D 193 -19.07 -1.62 43.56
C GLU D 193 -20.53 -1.18 43.53
N HIS D 194 -21.31 -1.79 42.64
CA HIS D 194 -22.76 -1.55 42.59
C HIS D 194 -23.53 -2.42 43.61
N HIS D 195 -22.79 -3.28 44.34
CA HIS D 195 -23.33 -4.21 45.32
C HIS D 195 -24.33 -5.18 44.69
N VAL G 7 9.96 23.96 -10.83
CA VAL G 7 10.31 22.83 -9.98
C VAL G 7 11.52 22.07 -10.53
N SER G 8 11.54 21.87 -11.84
CA SER G 8 12.63 21.14 -12.48
C SER G 8 13.94 21.90 -12.34
N GLY G 9 13.85 23.23 -12.31
CA GLY G 9 15.00 24.08 -12.14
C GLY G 9 15.58 23.97 -10.74
N ILE G 10 14.73 24.10 -9.74
CA ILE G 10 15.19 24.05 -8.37
C ILE G 10 15.75 22.65 -8.08
N SER G 11 15.12 21.63 -8.69
CA SER G 11 15.52 20.24 -8.50
C SER G 11 16.92 19.95 -9.01
N ALA G 12 17.22 20.49 -10.19
CA ALA G 12 18.49 20.31 -10.84
C ALA G 12 19.59 20.98 -10.01
N TYR G 13 19.31 22.18 -9.54
CA TYR G 13 20.23 22.91 -8.68
C TYR G 13 20.49 22.15 -7.39
N LEU G 14 19.42 21.65 -6.76
CA LEU G 14 19.59 20.88 -5.54
C LEU G 14 20.40 19.59 -5.80
N LEU G 15 20.19 18.98 -6.97
CA LEU G 15 20.92 17.77 -7.30
C LEU G 15 22.41 18.10 -7.46
N GLY G 16 22.69 19.28 -8.02
CA GLY G 16 24.07 19.77 -8.09
C GLY G 16 24.71 19.85 -6.72
N LEU G 17 23.99 20.40 -5.74
CA LEU G 17 24.52 20.48 -4.38
C LEU G 17 24.69 19.10 -3.77
N ILE G 18 23.69 18.25 -4.00
CA ILE G 18 23.66 16.91 -3.45
C ILE G 18 24.84 16.08 -3.97
N ILE G 19 24.95 16.01 -5.30
CA ILE G 19 26.02 15.26 -5.95
C ILE G 19 27.40 15.82 -5.55
N GLY G 20 27.51 17.14 -5.49
CA GLY G 20 28.76 17.78 -5.08
C GLY G 20 29.08 17.67 -3.59
N ASP G 21 28.20 18.18 -2.72
CA ASP G 21 28.56 18.25 -1.29
C ASP G 21 27.74 17.30 -0.38
N GLY G 22 27.01 16.36 -0.96
CA GLY G 22 26.20 15.48 -0.13
C GLY G 22 26.10 14.09 -0.70
N GLY G 23 24.87 13.59 -0.79
CA GLY G 23 24.68 12.27 -1.36
C GLY G 23 23.28 11.72 -1.21
N LEU G 24 23.06 10.62 -1.91
CA LEU G 24 21.82 9.85 -1.91
C LEU G 24 22.18 8.50 -1.33
N TYR G 25 21.59 8.14 -0.19
CA TYR G 25 22.00 6.92 0.49
C TYR G 25 20.80 6.00 0.71
N LYS G 26 20.99 4.75 0.33
CA LYS G 26 20.04 3.71 0.60
C LYS G 26 20.64 2.79 1.67
N LEU G 27 20.16 2.93 2.90
CA LEU G 27 20.75 2.24 4.04
C LEU G 27 20.01 0.96 4.42
N LYS G 28 20.78 -0.08 4.74
CA LYS G 28 20.27 -1.32 5.32
C LYS G 28 20.75 -1.44 6.76
N TYR G 29 19.83 -1.63 7.69
CA TYR G 29 20.18 -1.69 9.10
C TYR G 29 19.89 -3.04 9.73
N LYS G 30 20.33 -3.21 10.96
CA LYS G 30 19.91 -4.29 11.82
C LYS G 30 18.50 -3.97 12.30
N GLY G 31 17.48 -4.66 11.82
CA GLY G 31 17.51 -5.68 10.80
C GLY G 31 16.06 -6.11 10.75
N ASN G 32 15.44 -6.26 9.59
CA ASN G 32 15.92 -5.74 8.31
C ASN G 32 15.38 -4.34 8.13
N ARG G 33 15.75 -3.42 9.00
CA ARG G 33 15.29 -2.04 8.88
C ARG G 33 16.03 -1.35 7.71
N SER G 34 15.53 -0.19 7.31
CA SER G 34 16.12 0.53 6.19
C SER G 34 15.91 2.03 6.34
N GLU G 35 16.59 2.79 5.49
CA GLU G 35 16.40 4.23 5.44
C GLU G 35 16.86 4.77 4.07
N TYR G 36 16.25 5.87 3.66
CA TYR G 36 16.60 6.49 2.38
C TYR G 36 16.91 7.94 2.66
N ARG G 37 18.14 8.36 2.37
CA ARG G 37 18.50 9.73 2.72
C ARG G 37 18.92 10.58 1.56
N VAL G 38 18.43 11.81 1.59
CA VAL G 38 18.89 12.85 0.71
C VAL G 38 19.66 13.84 1.56
N VAL G 39 20.91 14.09 1.20
CA VAL G 39 21.86 14.78 2.10
C VAL G 39 22.64 15.85 1.36
N ILE G 40 22.70 17.04 1.97
CA ILE G 40 23.66 18.05 1.55
C ILE G 40 24.45 18.44 2.79
N THR G 41 25.78 18.44 2.71
CA THR G 41 26.56 18.91 3.87
C THR G 41 27.30 20.20 3.55
N GLN G 42 27.56 20.99 4.58
CA GLN G 42 28.21 22.29 4.44
C GLN G 42 28.71 22.81 5.77
N LYS G 43 29.78 23.60 5.70
CA LYS G 43 30.35 24.24 6.86
C LYS G 43 29.40 25.27 7.46
N SER G 44 29.01 26.28 6.67
CA SER G 44 28.30 27.40 7.26
C SER G 44 26.83 27.10 7.53
N GLU G 45 26.44 27.32 8.78
CA GLU G 45 25.07 27.14 9.24
C GLU G 45 24.12 28.03 8.47
N ASN G 46 24.61 29.20 8.08
CA ASN G 46 23.79 30.19 7.40
C ASN G 46 23.39 29.77 6.00
N LEU G 47 24.34 29.29 5.20
CA LEU G 47 24.04 28.84 3.85
C LEU G 47 22.96 27.74 3.94
N ILE G 48 23.15 26.81 4.86
CA ILE G 48 22.25 25.68 4.98
C ILE G 48 20.85 26.09 5.44
N LYS G 49 20.75 26.88 6.50
CA LYS G 49 19.44 27.26 7.05
C LYS G 49 18.72 28.32 6.21
N GLN G 50 19.47 29.28 5.67
CA GLN G 50 18.82 30.42 5.04
CA GLN G 50 18.89 30.46 5.03
C GLN G 50 18.73 30.32 3.52
N HIS G 51 19.57 29.48 2.90
N HIS G 51 19.58 29.51 2.90
CA HIS G 51 19.63 29.43 1.44
CA HIS G 51 19.56 29.38 1.45
C HIS G 51 19.27 28.07 0.83
C HIS G 51 18.99 28.03 1.08
N ILE G 52 19.72 26.98 1.44
CA ILE G 52 19.42 25.64 0.97
C ILE G 52 18.09 25.07 1.52
N ALA G 53 17.94 25.08 2.84
CA ALA G 53 16.74 24.52 3.47
C ALA G 53 15.42 25.08 2.91
N PRO G 54 15.32 26.41 2.68
CA PRO G 54 14.05 26.89 2.12
C PRO G 54 13.72 26.35 0.75
N LEU G 55 14.74 26.17 -0.10
CA LEU G 55 14.52 25.60 -1.42
C LEU G 55 14.10 24.14 -1.34
N MET G 56 14.72 23.39 -0.42
CA MET G 56 14.37 21.98 -0.27
C MET G 56 12.96 21.87 0.32
N GLN G 57 12.59 22.83 1.18
CA GLN G 57 11.25 22.83 1.78
C GLN G 57 10.20 23.07 0.69
N PHE G 58 10.51 23.96 -0.24
CA PHE G 58 9.62 24.20 -1.35
C PHE G 58 9.37 22.91 -2.11
N LEU G 59 10.45 22.19 -2.40
CA LEU G 59 10.35 20.96 -3.18
C LEU G 59 9.57 19.92 -2.41
N ILE G 60 9.76 19.89 -1.10
CA ILE G 60 9.06 18.95 -0.24
C ILE G 60 7.55 19.25 -0.24
N ASP G 61 7.18 20.53 -0.10
CA ASP G 61 5.77 20.94 -0.16
C ASP G 61 5.22 20.52 -1.51
N GLU G 62 6.03 20.78 -2.53
CA GLU G 62 5.64 20.60 -3.90
C GLU G 62 5.36 19.13 -4.23
N LEU G 63 6.19 18.25 -3.71
CA LEU G 63 6.08 16.81 -4.02
C LEU G 63 5.20 16.09 -2.99
N ASN G 64 4.66 16.83 -2.02
CA ASN G 64 3.88 16.27 -0.89
C ASN G 64 4.69 15.24 -0.11
N VAL G 65 5.98 15.50 0.09
CA VAL G 65 6.80 14.61 0.91
C VAL G 65 6.46 14.85 2.38
N LYS G 66 6.38 13.80 3.15
CA LYS G 66 5.90 13.96 4.52
C LYS G 66 7.04 14.00 5.52
N SER G 67 8.26 13.72 5.05
CA SER G 67 9.43 13.76 5.92
C SER G 67 9.84 15.20 6.27
N LYS G 68 10.47 15.36 7.42
CA LYS G 68 10.93 16.67 7.81
C LYS G 68 12.36 16.91 7.35
N ILE G 69 12.72 18.18 7.20
CA ILE G 69 14.12 18.51 7.00
C ILE G 69 14.84 18.42 8.33
N GLN G 70 15.84 17.56 8.40
CA GLN G 70 16.71 17.54 9.57
C GLN G 70 17.98 18.33 9.26
N ILE G 71 18.48 19.03 10.27
CA ILE G 71 19.78 19.67 10.21
C ILE G 71 20.59 19.18 11.39
N VAL G 72 21.62 18.38 11.11
CA VAL G 72 22.42 17.79 12.16
C VAL G 72 23.81 18.46 12.23
N LYS G 73 24.19 18.91 13.42
CA LYS G 73 25.52 19.49 13.62
C LYS G 73 26.55 18.40 13.84
N GLY G 74 27.42 18.23 12.86
CA GLY G 74 28.54 17.31 13.03
C GLY G 74 29.73 18.12 13.54
N ASP G 75 30.83 17.43 13.84
CA ASP G 75 32.06 18.09 14.27
C ASP G 75 32.55 19.15 13.26
N THR G 76 32.62 18.76 11.98
CA THR G 76 33.31 19.57 10.96
C THR G 76 32.38 20.26 9.96
N ARG G 77 31.07 20.01 10.06
CA ARG G 77 30.12 20.42 9.04
C ARG G 77 28.70 20.24 9.55
N TYR G 78 27.77 21.08 9.08
CA TYR G 78 26.35 20.81 9.24
C TYR G 78 25.86 19.86 8.15
N GLU G 79 24.89 19.02 8.49
CA GLU G 79 24.29 18.12 7.50
C GLU G 79 22.79 18.40 7.35
N LEU G 80 22.37 18.77 6.15
CA LEU G 80 20.96 18.85 5.88
C LEU G 80 20.53 17.47 5.36
N ARG G 81 19.52 16.90 5.99
CA ARG G 81 19.13 15.54 5.70
C ARG G 81 17.62 15.37 5.64
N VAL G 82 17.14 14.75 4.57
CA VAL G 82 15.75 14.37 4.48
C VAL G 82 15.67 12.87 4.39
N SER G 83 15.05 12.24 5.39
CA SER G 83 14.89 10.80 5.38
C SER G 83 13.59 10.45 4.67
N SER G 84 13.67 10.08 3.40
CA SER G 84 12.46 9.89 2.59
C SER G 84 12.68 9.03 1.34
N LYS G 85 12.10 7.84 1.34
CA LYS G 85 12.18 6.98 0.17
C LYS G 85 11.70 7.69 -1.07
N LYS G 86 10.59 8.41 -0.95
CA LYS G 86 10.04 9.13 -2.11
C LYS G 86 11.02 10.19 -2.63
N LEU G 87 11.60 10.98 -1.72
CA LEU G 87 12.49 12.06 -2.19
C LEU G 87 13.79 11.46 -2.74
N TYR G 88 14.24 10.38 -2.10
CA TYR G 88 15.44 9.69 -2.54
C TYR G 88 15.31 9.25 -4.00
N TYR G 89 14.20 8.61 -4.36
CA TYR G 89 14.01 8.06 -5.71
C TYR G 89 13.78 9.17 -6.70
N TYR G 90 13.10 10.20 -6.23
CA TYR G 90 12.91 11.36 -7.06
C TYR G 90 14.28 11.88 -7.55
N PHE G 91 15.25 12.04 -6.64
CA PHE G 91 16.57 12.56 -7.07
C PHE G 91 17.38 11.49 -7.78
N ALA G 92 17.27 10.23 -7.31
CA ALA G 92 18.12 9.20 -7.88
C ALA G 92 17.68 8.94 -9.32
N ASN G 93 16.37 9.00 -9.58
CA ASN G 93 15.89 8.82 -10.95
C ASN G 93 16.27 9.99 -11.86
N MET G 94 16.22 11.20 -11.31
CA MET G 94 16.67 12.38 -12.03
C MET G 94 18.15 12.20 -12.43
N LEU G 95 18.95 11.73 -11.47
CA LEU G 95 20.37 11.51 -11.72
C LEU G 95 20.63 10.58 -12.91
N GLU G 96 19.94 9.45 -12.99
CA GLU G 96 20.28 8.58 -14.10
C GLU G 96 19.66 9.06 -15.41
N ARG G 97 18.79 10.06 -15.33
CA ARG G 97 18.34 10.75 -16.55
C ARG G 97 19.10 12.05 -16.86
N ILE G 98 20.26 12.24 -16.22
CA ILE G 98 20.93 13.53 -16.26
C ILE G 98 21.34 13.94 -17.70
N ARG G 99 21.73 12.96 -18.51
CA ARG G 99 22.15 13.26 -19.89
C ARG G 99 21.02 13.88 -20.71
N LEU G 100 19.78 13.77 -20.23
CA LEU G 100 18.65 14.32 -20.98
C LEU G 100 18.15 15.63 -20.39
N PHE G 101 18.91 16.22 -19.46
CA PHE G 101 18.56 17.54 -18.97
C PHE G 101 18.43 18.55 -20.12
N ASN G 102 17.41 19.39 -20.06
CA ASN G 102 17.29 20.48 -21.02
C ASN G 102 18.15 21.65 -20.58
N MET G 103 18.11 22.74 -21.33
CA MET G 103 19.02 23.86 -21.08
C MET G 103 18.84 24.48 -19.68
N ARG G 104 17.60 24.67 -19.24
CA ARG G 104 17.38 25.24 -17.90
C ARG G 104 17.91 24.30 -16.82
N GLU G 105 17.70 23.01 -16.98
CA GLU G 105 18.19 22.03 -16.00
C GLU G 105 19.71 21.96 -15.99
N GLN G 106 20.32 21.99 -17.17
CA GLN G 106 21.78 21.96 -17.28
C GLN G 106 22.37 23.12 -16.51
N ILE G 107 21.80 24.30 -16.71
CA ILE G 107 22.37 25.49 -16.14
C ILE G 107 22.27 25.47 -14.63
N ALA G 108 21.09 25.08 -14.13
CA ALA G 108 20.87 25.03 -12.69
C ALA G 108 21.75 23.98 -12.04
N PHE G 109 21.92 22.84 -12.69
CA PHE G 109 22.78 21.78 -12.15
C PHE G 109 24.24 22.25 -12.08
N ILE G 110 24.74 22.84 -13.15
CA ILE G 110 26.12 23.30 -13.15
C ILE G 110 26.34 24.34 -12.07
N LYS G 111 25.38 25.24 -11.90
CA LYS G 111 25.45 26.23 -10.84
C LYS G 111 25.52 25.57 -9.46
N GLY G 112 24.65 24.57 -9.21
CA GLY G 112 24.67 23.84 -7.96
C GLY G 112 25.99 23.10 -7.75
N LEU G 113 26.47 22.45 -8.80
CA LEU G 113 27.75 21.76 -8.74
C LEU G 113 28.89 22.75 -8.47
N TYR G 114 28.82 23.93 -9.07
CA TYR G 114 29.90 24.92 -8.85
C TYR G 114 29.84 25.43 -7.43
N VAL G 115 28.65 25.79 -6.96
CA VAL G 115 28.52 26.15 -5.53
C VAL G 115 29.13 25.07 -4.62
N ALA G 116 28.91 23.79 -4.90
CA ALA G 116 29.46 22.75 -4.03
C ALA G 116 30.96 22.56 -4.21
N GLU G 117 31.40 22.42 -5.47
CA GLU G 117 32.77 21.97 -5.77
C GLU G 117 33.63 22.99 -6.53
N GLY G 118 33.11 24.18 -6.78
CA GLY G 118 33.81 25.12 -7.63
C GLY G 118 34.87 25.91 -6.90
N ASP G 119 35.77 26.51 -7.66
CA ASP G 119 36.77 27.45 -7.14
C ASP G 119 36.03 28.72 -6.69
N LYS G 120 35.99 28.97 -5.39
CA LYS G 120 35.19 30.07 -4.84
C LYS G 120 35.81 31.46 -5.06
N THR G 121 37.14 31.54 -5.11
CA THR G 121 37.80 32.82 -5.35
C THR G 121 37.39 33.43 -6.70
N LEU G 122 36.97 32.58 -7.63
CA LEU G 122 36.72 32.96 -9.03
C LEU G 122 37.93 33.65 -9.71
N LYS G 123 39.07 33.73 -9.03
CA LYS G 123 40.33 34.07 -9.71
C LYS G 123 40.58 33.07 -10.83
N ARG G 124 40.26 31.80 -10.53
CA ARG G 124 40.23 30.75 -11.53
CA ARG G 124 40.23 30.73 -11.53
C ARG G 124 38.84 30.12 -11.51
N LEU G 125 38.47 29.47 -12.61
CA LEU G 125 37.15 28.86 -12.70
C LEU G 125 37.32 27.34 -12.86
N ARG G 126 37.19 26.64 -11.73
CA ARG G 126 37.48 25.21 -11.65
C ARG G 126 36.41 24.41 -10.88
N ILE G 127 36.12 23.19 -11.34
CA ILE G 127 35.25 22.27 -10.63
C ILE G 127 35.99 20.94 -10.39
N TRP G 128 36.05 20.51 -9.14
CA TRP G 128 36.72 19.24 -8.84
C TRP G 128 35.71 18.11 -8.61
N ASN G 129 36.07 16.92 -9.08
CA ASN G 129 35.33 15.69 -8.79
C ASN G 129 36.09 14.43 -9.19
N LYS G 130 35.95 13.37 -8.40
CA LYS G 130 36.44 12.04 -8.77
C LYS G 130 35.68 11.41 -9.95
N ASN G 131 34.46 11.88 -10.18
CA ASN G 131 33.64 11.26 -11.19
C ASN G 131 33.90 11.87 -12.55
N LYS G 132 34.82 11.28 -13.31
CA LYS G 132 35.23 11.84 -14.60
C LYS G 132 34.06 11.94 -15.60
N ALA G 133 33.23 10.89 -15.64
CA ALA G 133 32.11 10.87 -16.58
C ALA G 133 31.13 12.00 -16.29
N LEU G 134 30.96 12.33 -15.02
CA LEU G 134 30.11 13.47 -14.69
C LEU G 134 30.70 14.79 -15.23
N LEU G 135 32.00 14.99 -15.03
CA LEU G 135 32.63 16.21 -15.56
C LEU G 135 32.55 16.27 -17.10
N GLU G 136 32.70 15.13 -17.77
CA GLU G 136 32.63 15.11 -19.23
CA GLU G 136 32.62 15.09 -19.23
C GLU G 136 31.23 15.49 -19.71
N ILE G 137 30.21 15.10 -18.95
CA ILE G 137 28.86 15.54 -19.29
C ILE G 137 28.77 17.05 -19.13
N VAL G 138 29.28 17.56 -18.01
CA VAL G 138 29.28 19.00 -17.78
C VAL G 138 30.12 19.72 -18.86
N SER G 139 31.24 19.11 -19.23
CA SER G 139 32.11 19.71 -20.23
C SER G 139 31.39 19.91 -21.57
N ARG G 140 30.58 18.93 -21.95
CA ARG G 140 29.85 19.02 -23.20
C ARG G 140 28.79 20.12 -23.13
N TRP G 141 28.09 20.19 -22.01
CA TRP G 141 27.07 21.21 -21.81
C TRP G 141 27.69 22.60 -21.87
N LEU G 142 28.83 22.74 -21.21
CA LEU G 142 29.51 24.03 -21.18
C LEU G 142 29.91 24.42 -22.61
N ASN G 143 30.44 23.47 -23.39
CA ASN G 143 30.79 23.77 -24.78
C ASN G 143 29.59 24.24 -25.57
N ASN G 144 28.44 23.63 -25.36
CA ASN G 144 27.23 24.00 -26.12
C ASN G 144 26.75 25.38 -25.75
N LEU G 145 27.08 25.81 -24.54
CA LEU G 145 26.81 27.17 -24.12
C LEU G 145 28.07 27.99 -24.33
N GLY G 146 29.09 27.35 -24.92
CA GLY G 146 30.51 27.68 -24.74
C GLY G 146 30.89 29.10 -24.45
N VAL G 147 31.72 29.41 -23.45
CA VAL G 147 32.40 28.56 -22.42
C VAL G 147 33.18 27.31 -22.81
N ARG G 148 34.47 27.54 -23.09
CA ARG G 148 35.44 26.49 -23.36
C ARG G 148 36.05 25.99 -22.07
N ASN G 149 36.55 24.77 -22.08
CA ASN G 149 37.00 24.13 -20.86
C ASN G 149 37.85 22.91 -21.14
N THR G 150 38.59 22.45 -20.15
CA THR G 150 39.34 21.20 -20.29
C THR G 150 39.25 20.36 -19.02
N ILE G 151 39.51 19.07 -19.15
CA ILE G 151 39.52 18.17 -18.02
C ILE G 151 40.85 17.45 -17.91
N HIS G 152 41.39 17.35 -16.71
CA HIS G 152 42.65 16.63 -16.46
CA HIS G 152 42.55 16.48 -16.51
C HIS G 152 42.55 15.98 -15.08
N LEU G 153 43.33 14.93 -14.86
CA LEU G 153 43.52 14.39 -13.52
C LEU G 153 44.36 15.36 -12.68
N ASP G 154 43.73 16.08 -11.75
CA ASP G 154 44.40 17.12 -10.97
C ASP G 154 45.14 16.57 -9.75
N ASP G 155 44.51 15.66 -9.04
CA ASP G 155 45.08 15.13 -7.83
C ASP G 155 45.34 13.63 -7.94
N HIS G 156 46.61 13.25 -8.07
CA HIS G 156 46.98 11.84 -8.20
C HIS G 156 46.91 11.11 -6.85
N ARG G 157 46.87 11.86 -5.76
CA ARG G 157 46.79 11.23 -4.44
C ARG G 157 45.42 10.61 -4.22
N HIS G 158 44.40 11.16 -4.88
CA HIS G 158 43.04 10.73 -4.61
C HIS G 158 42.20 10.52 -5.87
N GLY G 159 42.84 10.57 -7.03
CA GLY G 159 42.14 10.35 -8.27
C GLY G 159 41.08 11.41 -8.53
N VAL G 160 41.37 12.65 -8.16
CA VAL G 160 40.42 13.74 -8.36
C VAL G 160 40.69 14.51 -9.65
N TYR G 161 39.70 14.51 -10.55
CA TYR G 161 39.80 15.29 -11.78
C TYR G 161 39.40 16.74 -11.56
N VAL G 162 39.84 17.61 -12.46
CA VAL G 162 39.40 19.00 -12.46
C VAL G 162 38.84 19.35 -13.83
N LEU G 163 37.71 20.04 -13.86
CA LEU G 163 37.24 20.69 -15.07
C LEU G 163 37.69 22.15 -14.97
N ASN G 164 38.54 22.59 -15.90
CA ASN G 164 39.03 23.98 -15.89
C ASN G 164 38.29 24.81 -16.93
N ILE G 165 37.60 25.85 -16.48
CA ILE G 165 36.88 26.71 -17.40
C ILE G 165 37.83 27.79 -17.88
N SER G 166 37.96 27.96 -19.19
CA SER G 166 38.90 28.94 -19.75
C SER G 166 38.56 30.36 -19.29
N LEU G 167 39.57 31.11 -18.86
CA LEU G 167 39.31 32.48 -18.44
C LEU G 167 38.86 33.38 -19.60
N ARG G 168 39.05 32.91 -20.83
N ARG G 168 39.09 32.94 -20.83
CA ARG G 168 38.59 33.64 -22.01
CA ARG G 168 38.57 33.64 -22.01
C ARG G 168 37.07 33.62 -22.17
C ARG G 168 37.06 33.78 -21.95
N ASP G 169 36.41 32.77 -21.39
CA ASP G 169 34.95 32.75 -21.36
C ASP G 169 34.44 33.01 -19.96
N ARG G 170 35.28 33.68 -19.18
CA ARG G 170 34.97 33.96 -17.78
C ARG G 170 33.67 34.72 -17.65
N ILE G 171 33.50 35.73 -18.51
CA ILE G 171 32.34 36.59 -18.38
C ILE G 171 31.07 35.84 -18.76
N LYS G 172 31.12 35.06 -19.83
CA LYS G 172 29.94 34.31 -20.24
C LYS G 172 29.59 33.27 -19.17
N PHE G 173 30.59 32.66 -18.56
CA PHE G 173 30.32 31.63 -17.56
C PHE G 173 29.66 32.23 -16.34
N VAL G 174 30.28 33.26 -15.78
CA VAL G 174 29.80 33.86 -14.55
C VAL G 174 28.38 34.41 -14.71
N HIS G 175 28.07 34.96 -15.87
CA HIS G 175 26.78 35.62 -16.09
CA HIS G 175 26.76 35.59 -15.99
C HIS G 175 25.69 34.68 -16.60
N THR G 176 26.09 33.62 -17.30
CA THR G 176 25.11 32.65 -17.77
C THR G 176 24.80 31.59 -16.70
N ILE G 177 25.84 31.15 -16.01
CA ILE G 177 25.70 30.04 -15.07
C ILE G 177 25.53 30.48 -13.64
N LEU G 178 26.47 31.29 -13.17
CA LEU G 178 26.54 31.56 -11.74
C LEU G 178 25.50 32.58 -11.28
N SER G 179 25.25 33.60 -12.09
CA SER G 179 24.25 34.61 -11.71
C SER G 179 22.93 34.37 -12.45
N SER G 180 22.70 33.13 -12.86
CA SER G 180 21.38 32.69 -13.25
C SER G 180 20.66 32.22 -12.01
N HIS G 181 19.62 32.94 -11.60
CA HIS G 181 18.87 32.54 -10.42
C HIS G 181 17.60 31.81 -10.84
N LEU G 182 16.66 31.66 -9.92
CA LEU G 182 15.48 30.84 -10.16
C LEU G 182 14.66 31.32 -11.35
#